data_4ODN
#
_entry.id   4ODN
#
_cell.length_a   39.830
_cell.length_b   40.550
_cell.length_c   53.220
_cell.angle_alpha   90.00
_cell.angle_beta   91.24
_cell.angle_gamma   90.00
#
_symmetry.space_group_name_H-M   'P 1 21 1'
#
loop_
_entity.id
_entity.type
_entity.pdbx_description
1 polymer 'Peptidyl-prolyl cis-trans isomerase SlyD'
2 polymer '30S ribosomal protein S2'
3 non-polymer 'SULFATE ION'
4 non-polymer GLYCEROL
5 non-polymer 'CHLORIDE ION'
6 non-polymer 'SODIUM ION'
7 water water
#
loop_
_entity_poly.entity_id
_entity_poly.type
_entity_poly.pdbx_seq_one_letter_code
_entity_poly.pdbx_strand_id
1 'polypeptide(L)'
;MKVGQDKVVTIRYTLQVEGEVLDQGELSYLHGHRNLIPGLEEALEGREEGEAFQAHVPAEKAYGPHDPEGVQVVPLSAFP
EDAEVVPGAQFYAQDMEGNPMPLTVVAVEGEEVTVDFNHPLAGKDLDFQVEVVKVREATPEELLHGHAHPSGHHHHHH
;
A
2 'polypeptide(L)' KMKPFIFGARNKVHIY(NH2) B
#
# COMPACT_ATOMS: atom_id res chain seq x y z
N MET A 1 1.73 8.54 -28.18
CA MET A 1 1.34 9.54 -27.21
C MET A 1 2.11 9.25 -25.93
N LYS A 2 2.56 10.31 -25.26
CA LYS A 2 3.27 10.16 -23.97
C LYS A 2 2.32 10.22 -22.79
N VAL A 3 2.69 9.52 -21.72
CA VAL A 3 1.97 9.62 -20.45
C VAL A 3 2.13 11.03 -19.93
N GLY A 4 1.02 11.63 -19.50
CA GLY A 4 1.05 12.94 -18.89
C GLY A 4 -0.26 13.23 -18.20
N GLN A 5 -0.35 14.41 -17.59
CA GLN A 5 -1.56 14.82 -16.89
C GLN A 5 -2.81 14.59 -17.74
N ASP A 6 -3.80 13.94 -17.12
CA ASP A 6 -5.14 13.74 -17.70
C ASP A 6 -5.20 12.68 -18.81
N LYS A 7 -4.10 11.95 -19.05
CA LYS A 7 -4.14 10.83 -19.98
C LYS A 7 -4.65 9.56 -19.29
N VAL A 8 -5.35 8.71 -20.05
CA VAL A 8 -5.73 7.40 -19.54
C VAL A 8 -4.69 6.39 -20.02
N VAL A 9 -4.03 5.76 -19.05
CA VAL A 9 -2.87 4.95 -19.34
C VAL A 9 -3.12 3.51 -18.90
N THR A 10 -2.80 2.55 -19.75
CA THR A 10 -2.88 1.13 -19.38
C THR A 10 -1.47 0.59 -19.18
N ILE A 11 -1.23 -0.03 -18.01
CA ILE A 11 0.08 -0.63 -17.77
C ILE A 11 -0.01 -2.09 -17.38
N ARG A 12 1.06 -2.84 -17.67
CA ARG A 12 1.27 -4.16 -17.09
C ARG A 12 2.42 -4.02 -16.13
N TYR A 13 2.34 -4.67 -14.97
CA TYR A 13 3.38 -4.48 -13.97
C TYR A 13 3.62 -5.72 -13.13
N THR A 14 4.83 -5.79 -12.57
CA THR A 14 5.15 -6.72 -11.48
CA THR A 14 5.12 -6.71 -11.48
C THR A 14 5.72 -5.91 -10.34
N LEU A 15 5.29 -6.21 -9.12
CA LEU A 15 5.79 -5.51 -7.93
C LEU A 15 6.57 -6.49 -7.07
N GLN A 16 7.82 -6.15 -6.79
CA GLN A 16 8.63 -6.91 -5.86
C GLN A 16 9.04 -6.03 -4.70
N VAL A 17 9.16 -6.64 -3.52
CA VAL A 17 9.74 -5.97 -2.36
C VAL A 17 10.79 -6.92 -1.80
N GLU A 18 12.02 -6.42 -1.71
CA GLU A 18 13.16 -7.19 -1.21
C GLU A 18 13.29 -8.51 -1.96
N GLY A 19 13.09 -8.45 -3.27
CA GLY A 19 13.29 -9.60 -4.14
C GLY A 19 12.16 -10.60 -4.20
N GLU A 20 11.05 -10.33 -3.51
CA GLU A 20 9.89 -11.20 -3.54
C GLU A 20 8.73 -10.55 -4.27
N VAL A 21 8.14 -11.26 -5.22
CA VAL A 21 7.00 -10.74 -5.96
C VAL A 21 5.76 -10.68 -5.07
N LEU A 22 5.17 -9.50 -4.94
CA LEU A 22 3.97 -9.34 -4.11
C LEU A 22 2.71 -9.22 -4.94
N ASP A 23 2.85 -8.74 -6.17
CA ASP A 23 1.69 -8.53 -7.01
C ASP A 23 2.09 -8.39 -8.47
N GLN A 24 1.14 -8.66 -9.35
CA GLN A 24 1.32 -8.39 -10.77
CA GLN A 24 1.32 -8.40 -10.78
C GLN A 24 -0.05 -8.29 -11.41
N GLY A 25 -0.10 -7.65 -12.57
CA GLY A 25 -1.36 -7.50 -13.26
C GLY A 25 -1.34 -6.40 -14.30
N GLU A 26 -2.54 -6.01 -14.71
CA GLU A 26 -2.71 -4.99 -15.72
C GLU A 26 -3.83 -4.08 -15.22
N LEU A 27 -3.65 -2.78 -15.39
CA LEU A 27 -4.66 -1.83 -14.95
C LEU A 27 -4.64 -0.61 -15.84
N SER A 28 -5.73 0.15 -15.80
CA SER A 28 -5.78 1.44 -16.46
C SER A 28 -6.09 2.48 -15.40
N TYR A 29 -5.49 3.66 -15.55
CA TYR A 29 -5.71 4.73 -14.59
C TYR A 29 -5.70 6.08 -15.31
N LEU A 30 -6.32 7.10 -14.70
CA LEU A 30 -6.20 8.48 -15.20
C LEU A 30 -5.02 9.16 -14.51
N HIS A 31 -4.00 9.52 -15.30
CA HIS A 31 -2.74 10.01 -14.74
C HIS A 31 -2.86 11.42 -14.15
N GLY A 32 -2.25 11.65 -12.99
CA GLY A 32 -2.18 13.00 -12.45
C GLY A 32 -3.28 13.30 -11.44
N HIS A 33 -3.93 12.25 -10.96
CA HIS A 33 -5.08 12.38 -10.06
C HIS A 33 -4.95 11.56 -8.78
N ARG A 34 -3.70 11.21 -8.46
CA ARG A 34 -3.38 10.45 -7.25
C ARG A 34 -4.05 9.07 -7.18
N ASN A 35 -4.28 8.47 -8.35
CA ASN A 35 -4.90 7.17 -8.39
C ASN A 35 -3.95 6.02 -8.10
N LEU A 36 -2.66 6.22 -8.37
CA LEU A 36 -1.62 5.27 -7.97
C LEU A 36 -0.67 5.95 -7.00
N ILE A 37 0.19 5.17 -6.33
CA ILE A 37 1.16 5.77 -5.42
C ILE A 37 2.04 6.79 -6.15
N PRO A 38 2.44 7.86 -5.46
CA PRO A 38 3.08 9.00 -6.15
C PRO A 38 4.37 8.64 -6.88
N GLY A 39 5.20 7.78 -6.30
CA GLY A 39 6.45 7.45 -6.94
C GLY A 39 6.26 6.63 -8.21
N LEU A 40 5.16 5.88 -8.30
CA LEU A 40 4.91 5.12 -9.53
C LEU A 40 4.44 6.07 -10.64
N GLU A 41 3.56 7.01 -10.31
CA GLU A 41 3.16 8.00 -11.31
C GLU A 41 4.35 8.88 -11.76
N GLU A 42 5.23 9.23 -10.82
CA GLU A 42 6.45 9.97 -11.18
C GLU A 42 7.26 9.20 -12.22
N ALA A 43 7.38 7.88 -12.00
CA ALA A 43 8.16 7.03 -12.90
C ALA A 43 7.51 6.90 -14.26
N LEU A 44 6.18 7.00 -14.30
CA LEU A 44 5.44 6.88 -15.56
C LEU A 44 5.36 8.19 -16.36
N GLU A 45 5.55 9.32 -15.68
CA GLU A 45 5.43 10.63 -16.32
C GLU A 45 6.37 10.73 -17.53
N GLY A 46 5.82 11.06 -18.68
CA GLY A 46 6.62 11.24 -19.87
C GLY A 46 6.99 9.99 -20.66
N ARG A 47 6.59 8.80 -20.18
CA ARG A 47 6.90 7.58 -20.92
C ARG A 47 6.09 7.45 -22.20
N GLU A 48 6.67 6.89 -23.25
CA GLU A 48 5.94 6.69 -24.50
CA GLU A 48 5.96 6.66 -24.51
C GLU A 48 5.11 5.40 -24.44
N GLU A 49 3.99 5.38 -25.17
CA GLU A 49 3.24 4.13 -25.31
C GLU A 49 4.19 3.05 -25.83
N GLY A 50 4.16 1.88 -25.21
CA GLY A 50 5.07 0.80 -25.58
C GLY A 50 6.33 0.69 -24.74
N GLU A 51 6.67 1.73 -23.98
CA GLU A 51 7.91 1.71 -23.23
C GLU A 51 7.88 0.68 -22.09
N ALA A 52 8.99 -0.05 -21.94
CA ALA A 52 9.16 -0.94 -20.79
C ALA A 52 10.31 -0.40 -19.94
N PHE A 53 10.15 -0.44 -18.62
CA PHE A 53 11.18 0.12 -17.76
C PHE A 53 11.10 -0.44 -16.36
N GLN A 54 12.10 -0.11 -15.55
CA GLN A 54 12.13 -0.50 -14.14
C GLN A 54 12.04 0.74 -13.28
N ALA A 55 11.38 0.62 -12.13
CA ALA A 55 11.27 1.76 -11.23
C ALA A 55 11.48 1.31 -9.79
N HIS A 56 12.45 1.93 -9.13
CA HIS A 56 12.69 1.72 -7.71
C HIS A 56 12.05 2.90 -6.99
N VAL A 57 10.98 2.63 -6.26
CA VAL A 57 10.24 3.68 -5.57
C VAL A 57 10.55 3.66 -4.08
N PRO A 58 11.16 4.74 -3.56
CA PRO A 58 11.47 4.79 -2.13
C PRO A 58 10.21 4.78 -1.29
N ALA A 59 10.32 4.28 -0.06
CA ALA A 59 9.18 4.21 0.86
C ALA A 59 8.39 5.53 0.97
N GLU A 60 9.10 6.65 0.98
CA GLU A 60 8.43 7.93 1.17
C GLU A 60 7.43 8.25 0.05
N LYS A 61 7.67 7.68 -1.13
CA LYS A 61 6.81 7.92 -2.30
C LYS A 61 5.88 6.73 -2.57
N ALA A 62 5.81 5.82 -1.60
CA ALA A 62 4.95 4.64 -1.73
C ALA A 62 3.98 4.61 -0.56
N TYR A 63 4.20 3.73 0.41
CA TYR A 63 3.31 3.63 1.58
C TYR A 63 3.79 4.41 2.80
N GLY A 64 4.88 5.16 2.62
CA GLY A 64 5.35 6.04 3.67
C GLY A 64 6.40 5.37 4.51
N PRO A 65 7.02 6.14 5.40
CA PRO A 65 8.02 5.55 6.30
C PRO A 65 7.33 4.74 7.38
N HIS A 66 8.12 3.93 8.05
CA HIS A 66 7.62 3.15 9.18
C HIS A 66 7.70 4.06 10.41
N ASP A 67 6.55 4.27 11.04
CA ASP A 67 6.47 5.12 12.21
C ASP A 67 6.75 4.28 13.45
N PRO A 68 7.81 4.60 14.21
CA PRO A 68 8.09 3.79 15.40
C PRO A 68 6.92 3.76 16.38
N GLU A 69 6.17 4.85 16.44
CA GLU A 69 5.04 4.91 17.37
C GLU A 69 3.90 3.94 17.03
N GLY A 70 3.99 3.30 15.86
CA GLY A 70 3.04 2.28 15.49
C GLY A 70 3.29 0.94 16.18
N VAL A 71 4.44 0.81 16.82
CA VAL A 71 4.76 -0.43 17.54
C VAL A 71 4.36 -0.28 19.01
N GLN A 72 3.44 -1.13 19.45
CA GLN A 72 2.81 -0.97 20.77
C GLN A 72 2.64 -2.33 21.45
N VAL A 73 2.56 -2.31 22.77
CA VAL A 73 2.31 -3.55 23.50
C VAL A 73 0.85 -3.56 23.93
N VAL A 74 0.15 -4.66 23.63
CA VAL A 74 -1.24 -4.83 24.08
C VAL A 74 -1.34 -6.17 24.84
N PRO A 75 -2.35 -6.30 25.70
CA PRO A 75 -2.42 -7.56 26.46
C PRO A 75 -2.91 -8.73 25.60
N LEU A 76 -2.38 -9.93 25.87
CA LEU A 76 -2.83 -11.13 25.19
C LEU A 76 -4.33 -11.34 25.34
N SER A 77 -4.88 -10.90 26.46
CA SER A 77 -6.30 -11.11 26.75
C SER A 77 -7.20 -10.34 25.78
N ALA A 78 -6.64 -9.39 25.04
CA ALA A 78 -7.45 -8.61 24.12
C ALA A 78 -7.77 -9.37 22.83
N PHE A 79 -6.99 -10.41 22.54
CA PHE A 79 -7.19 -11.15 21.30
C PHE A 79 -8.33 -12.14 21.41
N PRO A 80 -8.92 -12.50 20.27
CA PRO A 80 -9.97 -13.52 20.35
C PRO A 80 -9.38 -14.84 20.84
N GLU A 81 -10.10 -15.59 21.67
CA GLU A 81 -9.56 -16.84 22.23
C GLU A 81 -9.37 -17.93 21.18
N ASP A 82 -10.13 -17.87 20.10
CA ASP A 82 -10.04 -18.90 19.09
C ASP A 82 -8.98 -18.59 18.03
N ALA A 83 -8.19 -17.55 18.26
CA ALA A 83 -7.19 -17.10 17.28
C ALA A 83 -5.78 -17.58 17.61
N GLU A 84 -4.96 -17.76 16.58
CA GLU A 84 -3.55 -18.05 16.78
C GLU A 84 -2.75 -16.75 16.81
N VAL A 85 -2.24 -16.41 17.99
CA VAL A 85 -1.51 -15.17 18.17
C VAL A 85 -0.02 -15.45 18.12
N VAL A 86 0.54 -15.31 16.93
CA VAL A 86 1.93 -15.64 16.67
C VAL A 86 2.52 -14.58 15.74
N PRO A 87 3.87 -14.44 15.74
CA PRO A 87 4.50 -13.44 14.87
C PRO A 87 4.04 -13.56 13.42
N GLY A 88 3.65 -12.43 12.82
CA GLY A 88 3.18 -12.41 11.45
C GLY A 88 1.67 -12.41 11.30
N ALA A 89 0.96 -12.85 12.33
CA ALA A 89 -0.50 -12.91 12.28
C ALA A 89 -1.08 -11.52 12.19
N GLN A 90 -2.03 -11.33 11.27
CA GLN A 90 -2.70 -10.05 11.10
C GLN A 90 -4.09 -10.10 11.71
N PHE A 91 -4.52 -8.99 12.30
CA PHE A 91 -5.85 -8.91 12.91
C PHE A 91 -6.49 -7.57 12.63
N TYR A 92 -7.80 -7.58 12.37
CA TYR A 92 -8.55 -6.33 12.36
C TYR A 92 -8.73 -5.85 13.80
N ALA A 93 -8.62 -4.54 14.00
CA ALA A 93 -8.77 -3.92 15.32
C ALA A 93 -9.33 -2.51 15.18
N GLN A 94 -9.83 -1.97 16.30
CA GLN A 94 -10.28 -0.58 16.39
C GLN A 94 -9.83 0.02 17.70
N ASP A 95 -9.66 1.35 17.73
CA ASP A 95 -9.47 2.03 19.01
C ASP A 95 -10.82 2.22 19.71
N MET A 96 -10.79 2.85 20.88
CA MET A 96 -11.99 3.01 21.70
C MET A 96 -13.08 3.83 21.03
N GLU A 97 -12.69 4.70 20.10
CA GLU A 97 -13.63 5.57 19.40
C GLU A 97 -14.18 4.91 18.13
N GLY A 98 -13.69 3.72 17.82
CA GLY A 98 -14.18 2.97 16.68
C GLY A 98 -13.39 3.19 15.39
N ASN A 99 -12.26 3.88 15.48
CA ASN A 99 -11.38 4.06 14.34
C ASN A 99 -10.64 2.77 14.00
N PRO A 100 -10.65 2.37 12.73
CA PRO A 100 -9.93 1.16 12.35
C PRO A 100 -8.43 1.27 12.60
N MET A 101 -7.87 0.22 13.19
CA MET A 101 -6.44 0.14 13.45
C MET A 101 -5.96 -1.28 13.25
N PRO A 102 -6.01 -1.80 12.03
CA PRO A 102 -5.53 -3.17 11.83
C PRO A 102 -4.06 -3.32 12.25
N LEU A 103 -3.67 -4.53 12.61
CA LEU A 103 -2.34 -4.73 13.18
C LEU A 103 -1.70 -6.04 12.72
N THR A 104 -0.38 -6.09 12.85
CA THR A 104 0.34 -7.34 12.68
C THR A 104 1.01 -7.66 14.02
N VAL A 105 0.97 -8.92 14.43
CA VAL A 105 1.67 -9.36 15.64
C VAL A 105 3.18 -9.43 15.38
N VAL A 106 3.95 -8.79 16.25
CA VAL A 106 5.40 -8.83 16.15
C VAL A 106 5.99 -9.93 17.01
N ALA A 107 5.55 -9.97 18.26
CA ALA A 107 6.10 -10.92 19.22
C ALA A 107 5.15 -11.11 20.40
N VAL A 108 5.23 -12.27 21.04
CA VAL A 108 4.46 -12.53 22.23
C VAL A 108 5.44 -12.87 23.35
N GLU A 109 5.28 -12.20 24.49
CA GLU A 109 6.10 -12.52 25.66
C GLU A 109 5.19 -12.65 26.85
N GLY A 110 4.85 -13.88 27.19
CA GLY A 110 3.91 -14.15 28.26
C GLY A 110 2.55 -13.61 27.90
N GLU A 111 2.03 -12.71 28.72
CA GLU A 111 0.71 -12.15 28.48
C GLU A 111 0.77 -10.78 27.80
N GLU A 112 1.94 -10.44 27.27
CA GLU A 112 2.14 -9.18 26.56
C GLU A 112 2.41 -9.43 25.08
N VAL A 113 1.66 -8.77 24.20
CA VAL A 113 1.87 -8.94 22.77
C VAL A 113 2.34 -7.64 22.14
N THR A 114 3.51 -7.66 21.49
CA THR A 114 3.96 -6.51 20.73
C THR A 114 3.32 -6.55 19.35
N VAL A 115 2.64 -5.46 18.97
CA VAL A 115 1.98 -5.37 17.67
C VAL A 115 2.47 -4.16 16.91
N ASP A 116 2.19 -4.15 15.60
CA ASP A 116 2.60 -3.04 14.76
C ASP A 116 1.39 -2.56 13.97
N PHE A 117 1.04 -1.29 14.15
CA PHE A 117 -0.11 -0.70 13.45
C PHE A 117 0.26 -0.09 12.09
N ASN A 118 1.54 -0.13 11.72
CA ASN A 118 1.93 0.40 10.42
C ASN A 118 1.41 -0.51 9.31
N HIS A 119 1.14 0.08 8.15
CA HIS A 119 0.89 -0.75 6.98
C HIS A 119 2.09 -1.64 6.78
N PRO A 120 1.87 -2.91 6.37
CA PRO A 120 2.98 -3.86 6.20
C PRO A 120 4.07 -3.39 5.23
N LEU A 121 3.74 -2.49 4.29
CA LEU A 121 4.78 -1.98 3.39
C LEU A 121 5.35 -0.61 3.79
N ALA A 122 4.93 -0.08 4.94
CA ALA A 122 5.57 1.13 5.46
C ALA A 122 7.07 0.89 5.67
N GLY A 123 7.89 1.83 5.22
CA GLY A 123 9.33 1.74 5.37
C GLY A 123 10.00 0.90 4.29
N LYS A 124 9.21 0.26 3.44
CA LYS A 124 9.78 -0.57 2.39
C LYS A 124 9.83 0.10 1.03
N ASP A 125 10.96 -0.07 0.33
CA ASP A 125 11.07 0.39 -1.04
C ASP A 125 10.40 -0.61 -1.97
N LEU A 126 9.80 -0.12 -3.04
CA LEU A 126 9.05 -0.98 -3.95
C LEU A 126 9.77 -1.03 -5.31
N ASP A 127 9.89 -2.23 -5.88
CA ASP A 127 10.52 -2.37 -7.19
C ASP A 127 9.53 -2.84 -8.24
N PHE A 128 9.35 -2.04 -9.28
CA PHE A 128 8.39 -2.34 -10.33
C PHE A 128 9.05 -2.63 -11.67
N GLN A 129 8.54 -3.65 -12.37
CA GLN A 129 8.80 -3.80 -13.80
CA GLN A 129 8.80 -3.82 -13.79
C GLN A 129 7.51 -3.39 -14.49
N VAL A 130 7.60 -2.43 -15.41
CA VAL A 130 6.39 -1.86 -16.00
C VAL A 130 6.45 -1.85 -17.52
N GLU A 131 5.31 -2.13 -18.17
CA GLU A 131 5.16 -1.91 -19.60
C GLU A 131 3.96 -1.00 -19.83
N VAL A 132 4.18 0.07 -20.59
CA VAL A 132 3.10 0.98 -20.94
C VAL A 132 2.38 0.41 -22.17
N VAL A 133 1.21 -0.16 -21.95
CA VAL A 133 0.49 -0.84 -23.02
C VAL A 133 -0.17 0.15 -23.96
N LYS A 134 -0.85 1.15 -23.40
CA LYS A 134 -1.64 2.09 -24.20
C LYS A 134 -1.74 3.43 -23.51
N VAL A 135 -1.74 4.51 -24.29
CA VAL A 135 -2.00 5.84 -23.76
C VAL A 135 -3.06 6.48 -24.67
N ARG A 136 -4.10 7.07 -24.07
CA ARG A 136 -5.11 7.76 -24.85
C ARG A 136 -5.65 8.96 -24.09
N GLU A 137 -6.39 9.82 -24.79
CA GLU A 137 -7.03 10.93 -24.09
C GLU A 137 -8.24 10.46 -23.32
N ALA A 138 -8.55 11.18 -22.24
CA ALA A 138 -9.72 10.90 -21.42
C ALA A 138 -10.99 11.45 -22.06
N THR A 139 -12.11 10.78 -21.82
CA THR A 139 -13.42 11.33 -22.21
C THR A 139 -13.77 12.43 -21.20
N PRO A 140 -14.70 13.32 -21.58
CA PRO A 140 -15.14 14.33 -20.62
C PRO A 140 -15.65 13.71 -19.32
N GLU A 141 -16.34 12.57 -19.41
CA GLU A 141 -16.87 11.93 -18.22
C GLU A 141 -15.74 11.41 -17.32
N GLU A 142 -14.71 10.82 -17.92
CA GLU A 142 -13.54 10.40 -17.15
C GLU A 142 -12.86 11.57 -16.44
N LEU A 143 -12.77 12.71 -17.13
CA LEU A 143 -12.16 13.88 -16.53
C LEU A 143 -13.01 14.38 -15.37
N LEU A 144 -14.33 14.35 -15.55
CA LEU A 144 -15.26 14.76 -14.51
C LEU A 144 -15.13 13.93 -13.24
N HIS A 145 -15.03 12.61 -13.40
CA HIS A 145 -14.92 11.70 -12.27
C HIS A 145 -13.49 11.58 -11.71
N GLY A 146 -12.50 11.92 -12.53
CA GLY A 146 -11.11 11.80 -12.14
C GLY A 146 -10.60 10.36 -12.17
N HIS A 147 -11.26 9.50 -12.94
CA HIS A 147 -10.90 8.08 -12.99
C HIS A 147 -11.15 7.52 -14.38
N ALA A 148 -10.36 6.52 -14.78
CA ALA A 148 -10.61 5.86 -16.06
C ALA A 148 -11.87 5.03 -15.92
N HIS A 149 -12.61 4.84 -17.01
CA HIS A 149 -13.82 4.05 -16.86
C HIS A 149 -13.45 2.57 -16.74
N PRO A 150 -14.29 1.80 -16.06
CA PRO A 150 -13.94 0.38 -15.92
C PRO A 150 -14.13 -0.35 -17.24
N PHE B 5 -0.40 6.30 20.52
CA PHE B 5 -0.44 5.85 21.93
C PHE B 5 0.91 6.01 22.63
N ILE B 6 0.85 6.33 23.91
CA ILE B 6 2.03 6.29 24.77
C ILE B 6 1.84 5.17 25.79
N PHE B 7 0.95 5.39 26.77
CA PHE B 7 0.62 4.33 27.72
C PHE B 7 -0.78 3.72 27.50
N GLY B 8 -1.50 4.21 26.51
CA GLY B 8 -2.91 3.89 26.34
C GLY B 8 -3.33 2.71 25.48
N ALA B 9 -2.40 2.08 24.75
CA ALA B 9 -2.78 0.99 23.85
C ALA B 9 -3.39 -0.20 24.60
N ARG B 10 -2.78 -0.55 25.74
CA ARG B 10 -3.21 -1.69 26.55
C ARG B 10 -4.66 -1.57 27.04
N ASN B 11 -5.21 -0.36 27.00
CA ASN B 11 -6.60 -0.13 27.41
C ASN B 11 -7.49 0.25 26.24
N LYS B 12 -6.90 0.75 25.16
CA LYS B 12 -7.67 1.42 24.12
C LYS B 12 -7.77 0.72 22.75
N VAL B 13 -7.47 -0.56 22.66
CA VAL B 13 -7.66 -1.29 21.39
C VAL B 13 -8.57 -2.52 21.54
N HIS B 14 -9.58 -2.65 20.68
CA HIS B 14 -10.42 -3.86 20.57
C HIS B 14 -9.96 -4.66 19.35
N ILE B 15 -9.74 -5.95 19.52
CA ILE B 15 -9.21 -6.79 18.45
C ILE B 15 -10.24 -7.81 17.97
N TYR B 16 -10.52 -7.83 16.67
CA TYR B 16 -11.56 -8.71 16.16
C TYR B 16 -11.03 -9.78 15.22
#